data_2Z1W
#
_entry.id   2Z1W
#
_cell.length_a   90.878
_cell.length_b   65.324
_cell.length_c   70.615
_cell.angle_alpha   90.00
_cell.angle_beta   96.65
_cell.angle_gamma   90.00
#
_symmetry.space_group_name_H-M   'C 1 2 1'
#
loop_
_entity.id
_entity.type
_entity.pdbx_description
1 polymer 'Queuine tRNA-ribosyltransferase'
2 non-polymer 'ZINC ION'
3 non-polymer 2-BUTYL-5,6-DIHYDRO-1H-IMIDAZO[4,5-D]PYRIDAZINE-4,7-DIONE
4 non-polymer GLYCEROL
5 water water
#
_entity_poly.entity_id   1
_entity_poly.type   'polypeptide(L)'
_entity_poly.pdbx_seq_one_letter_code
;MVEATAQETDRPRFSFSIAAREGKARTGTIEMKRGVIRTPAFMPVGTAATVKALKPETVRATGADIILGNTYHLMLRPGA
ERIAKLGGLHSFMGWDRPILTDSGGYQVMSLSSLTKQSEEGVTFKSHLDGSRHMLSPERSIEIQHLLGSDIVMAFDECTP
YPATPSRAASSMERSMRWAKRSRDAFDSRKEQAENAALFGIQQGSVFENLRQQSADALAEIGFDGYAVGGLAVGQGQDEM
FRVLDFSVPMLPDDKPHYLMGVGKPDDIVGAVERGIDMFDCVLPTRSGRNGQAFTWDGPINIRNARFSEDLKPLDSECHC
AVCQKWSRAYIHHLIRAGEILGAMLMTEHNIAFYQQLMQKIRDSISEGRFSQFAQDFRARYFARNS
;
_entity_poly.pdbx_strand_id   A
#
loop_
_chem_comp.id
_chem_comp.type
_chem_comp.name
_chem_comp.formula
BDI non-polymer 2-BUTYL-5,6-DIHYDRO-1H-IMIDAZO[4,5-D]PYRIDAZINE-4,7-DIONE 'C9 H12 N4 O2'
GOL non-polymer GLYCEROL 'C3 H8 O3'
ZN non-polymer 'ZINC ION' 'Zn 2'
#
# COMPACT_ATOMS: atom_id res chain seq x y z
N ARG A 11 -19.77 -5.34 -12.86
CA ARG A 11 -18.32 -5.47 -12.86
C ARG A 11 -17.87 -6.91 -12.61
N PRO A 12 -16.74 -7.22 -13.23
CA PRO A 12 -16.07 -8.51 -13.10
C PRO A 12 -15.42 -8.64 -11.72
N ARG A 13 -15.06 -9.86 -11.37
CA ARG A 13 -14.26 -10.12 -10.18
C ARG A 13 -12.97 -9.32 -10.20
N PHE A 14 -12.32 -9.34 -11.37
CA PHE A 14 -11.03 -8.68 -11.51
C PHE A 14 -10.71 -8.43 -12.97
N SER A 15 -10.40 -7.18 -13.32
CA SER A 15 -9.97 -6.80 -14.66
C SER A 15 -9.07 -5.57 -14.58
N PHE A 16 -7.83 -5.80 -14.95
CA PHE A 16 -6.82 -4.75 -14.99
C PHE A 16 -6.63 -4.35 -16.45
N SER A 17 -6.84 -3.10 -16.75
CA SER A 17 -6.66 -2.56 -18.10
CA SER A 17 -6.69 -2.54 -18.08
C SER A 17 -5.69 -1.38 -18.08
N ILE A 18 -4.74 -1.41 -19.01
CA ILE A 18 -3.78 -0.31 -19.12
C ILE A 18 -4.24 0.60 -20.24
N ALA A 19 -4.52 1.85 -19.86
CA ALA A 19 -5.01 2.80 -20.89
C ALA A 19 -3.93 3.63 -21.57
N ALA A 20 -2.82 3.87 -20.85
CA ALA A 20 -1.75 4.71 -21.41
C ALA A 20 -0.43 4.35 -20.74
N ARG A 21 0.64 4.57 -21.51
CA ARG A 21 1.99 4.24 -21.08
C ARG A 21 2.98 5.32 -21.48
N GLU A 22 4.03 5.39 -20.68
CA GLU A 22 5.15 6.29 -20.91
C GLU A 22 6.39 5.69 -20.28
N GLY A 23 7.27 5.18 -21.16
CA GLY A 23 8.38 4.39 -20.65
C GLY A 23 7.86 3.16 -19.93
N LYS A 24 8.32 2.98 -18.70
CA LYS A 24 7.86 1.87 -17.90
C LYS A 24 6.59 2.22 -17.12
N ALA A 25 6.23 3.49 -17.14
CA ALA A 25 5.06 3.93 -16.38
C ALA A 25 3.78 3.54 -17.14
N ARG A 26 2.75 3.22 -16.37
CA ARG A 26 1.43 2.83 -16.84
C ARG A 26 0.33 3.54 -16.06
N THR A 27 -0.78 3.82 -16.75
CA THR A 27 -1.97 4.26 -16.04
C THR A 27 -3.18 3.47 -16.58
N GLY A 28 -4.13 3.19 -15.71
CA GLY A 28 -5.25 2.32 -16.06
C GLY A 28 -6.22 2.14 -14.90
N THR A 29 -6.94 1.04 -14.97
CA THR A 29 -7.98 0.75 -14.01
C THR A 29 -7.97 -0.73 -13.64
N ILE A 30 -8.28 -0.98 -12.37
CA ILE A 30 -8.64 -2.31 -11.93
C ILE A 30 -10.14 -2.29 -11.61
N GLU A 31 -10.89 -3.07 -12.37
CA GLU A 31 -12.31 -3.23 -12.09
C GLU A 31 -12.55 -4.44 -11.17
N MET A 32 -13.31 -4.20 -10.12
CA MET A 32 -13.69 -5.27 -9.18
C MET A 32 -15.16 -5.13 -8.81
N LYS A 33 -15.72 -6.14 -8.16
CA LYS A 33 -17.14 -6.09 -7.87
C LYS A 33 -17.50 -4.89 -7.04
N ARG A 34 -16.62 -4.46 -6.13
CA ARG A 34 -16.94 -3.37 -5.21
CA ARG A 34 -16.98 -3.35 -5.22
C ARG A 34 -16.55 -1.99 -5.76
N GLY A 35 -15.99 -1.96 -6.96
CA GLY A 35 -15.64 -0.69 -7.55
C GLY A 35 -14.41 -0.69 -8.42
N VAL A 36 -14.10 0.50 -8.96
CA VAL A 36 -12.98 0.71 -9.85
C VAL A 36 -11.83 1.37 -9.09
N ILE A 37 -10.64 0.86 -9.31
CA ILE A 37 -9.39 1.41 -8.80
C ILE A 37 -8.58 2.05 -9.93
N ARG A 38 -8.34 3.35 -9.84
CA ARG A 38 -7.52 4.06 -10.80
C ARG A 38 -6.04 3.87 -10.45
N THR A 39 -5.26 3.53 -11.48
CA THR A 39 -3.85 3.22 -11.29
C THR A 39 -2.97 4.21 -12.07
N PRO A 40 -1.80 4.57 -11.54
CA PRO A 40 -1.27 4.25 -10.20
C PRO A 40 -2.11 4.73 -9.02
N ALA A 41 -2.25 3.84 -8.03
CA ALA A 41 -3.13 3.97 -6.89
C ALA A 41 -2.34 4.06 -5.59
N PHE A 42 -2.78 4.91 -4.69
CA PHE A 42 -2.30 4.98 -3.35
C PHE A 42 -3.42 4.49 -2.40
N MET A 43 -3.06 3.53 -1.55
CA MET A 43 -3.97 2.93 -0.58
C MET A 43 -3.76 3.42 0.83
N PRO A 44 -4.67 4.22 1.38
CA PRO A 44 -4.49 4.59 2.79
C PRO A 44 -4.56 3.33 3.66
N VAL A 45 -3.79 3.30 4.75
CA VAL A 45 -3.75 2.12 5.59
C VAL A 45 -4.72 2.25 6.75
N GLY A 46 -5.63 1.27 6.86
CA GLY A 46 -6.52 1.19 8.02
C GLY A 46 -5.98 0.09 8.91
N THR A 47 -5.46 0.41 10.07
CA THR A 47 -4.70 -0.63 10.77
C THR A 47 -5.59 -1.59 11.55
N ALA A 48 -6.56 -1.10 12.26
CA ALA A 48 -7.50 -1.84 13.07
C ALA A 48 -8.93 -1.41 12.72
N ALA A 49 -9.25 -1.63 11.46
CA ALA A 49 -10.54 -1.36 10.85
C ALA A 49 -10.89 0.12 10.93
N THR A 50 -9.88 0.97 10.83
CA THR A 50 -10.09 2.42 10.73
C THR A 50 -8.82 3.06 10.14
N VAL A 51 -9.08 3.96 9.22
CA VAL A 51 -8.01 4.85 8.74
C VAL A 51 -7.90 5.91 9.84
N LYS A 52 -6.83 5.91 10.61
CA LYS A 52 -6.77 6.66 11.88
C LYS A 52 -7.20 8.11 11.69
N ALA A 53 -8.20 8.52 12.48
CA ALA A 53 -8.71 9.86 12.63
C ALA A 53 -9.58 10.31 11.48
N LEU A 54 -9.98 9.40 10.61
CA LEU A 54 -10.88 9.71 9.49
C LEU A 54 -12.11 8.84 9.42
N LYS A 55 -13.27 9.44 9.22
CA LYS A 55 -14.42 8.69 8.76
C LYS A 55 -14.17 8.15 7.37
N PRO A 56 -14.72 6.98 7.07
CA PRO A 56 -14.53 6.44 5.72
C PRO A 56 -15.03 7.40 4.64
N GLU A 57 -16.09 8.17 4.91
CA GLU A 57 -16.58 9.11 3.89
C GLU A 57 -15.53 10.17 3.53
N THR A 58 -14.72 10.47 4.54
CA THR A 58 -13.66 11.49 4.41
C THR A 58 -12.51 10.87 3.61
N VAL A 59 -12.23 9.59 3.89
CA VAL A 59 -11.20 8.90 3.09
C VAL A 59 -11.58 8.92 1.62
N ARG A 60 -12.85 8.63 1.35
CA ARG A 60 -13.31 8.64 -0.04
C ARG A 60 -13.24 10.02 -0.66
N ALA A 61 -13.61 11.00 0.18
CA ALA A 61 -13.67 12.37 -0.29
C ALA A 61 -12.30 12.85 -0.78
N THR A 62 -11.24 12.30 -0.22
CA THR A 62 -9.90 12.64 -0.62
C THR A 62 -9.51 12.02 -1.97
N GLY A 63 -10.31 11.05 -2.42
CA GLY A 63 -10.06 10.47 -3.73
C GLY A 63 -9.60 9.02 -3.69
N ALA A 64 -9.43 8.43 -2.51
CA ALA A 64 -9.07 7.02 -2.38
C ALA A 64 -10.14 6.12 -2.98
N ASP A 65 -9.70 5.12 -3.73
CA ASP A 65 -10.55 4.14 -4.38
C ASP A 65 -10.52 2.81 -3.62
N ILE A 66 -9.50 2.62 -2.81
CA ILE A 66 -9.28 1.36 -2.08
C ILE A 66 -8.45 1.68 -0.84
N ILE A 67 -8.66 0.93 0.21
CA ILE A 67 -7.84 1.05 1.43
C ILE A 67 -7.24 -0.30 1.77
N LEU A 68 -6.18 -0.28 2.57
CA LEU A 68 -5.52 -1.49 3.06
C LEU A 68 -5.95 -1.75 4.50
N GLY A 69 -6.29 -3.00 4.83
CA GLY A 69 -6.47 -3.41 6.20
C GLY A 69 -5.35 -4.38 6.61
N ASN A 70 -4.86 -4.23 7.85
CA ASN A 70 -3.84 -5.14 8.34
C ASN A 70 -4.52 -6.34 8.99
N THR A 71 -4.18 -7.54 8.52
CA THR A 71 -4.71 -8.81 9.01
C THR A 71 -4.29 -9.15 10.43
N TYR A 72 -3.04 -8.90 10.74
CA TYR A 72 -2.45 -9.22 12.04
C TYR A 72 -3.22 -8.56 13.17
N HIS A 73 -3.47 -7.27 12.91
CA HIS A 73 -4.13 -6.53 13.99
C HIS A 73 -5.58 -6.94 14.12
N LEU A 74 -6.24 -7.18 12.99
CA LEU A 74 -7.65 -7.58 13.10
C LEU A 74 -7.88 -8.95 13.69
N MET A 75 -6.92 -9.86 13.49
CA MET A 75 -7.15 -11.22 13.93
C MET A 75 -6.97 -11.18 15.44
N LEU A 76 -6.19 -10.21 15.91
CA LEU A 76 -6.04 -10.05 17.35
C LEU A 76 -7.20 -9.24 17.93
N ARG A 77 -7.46 -8.08 17.33
CA ARG A 77 -8.63 -7.33 17.87
C ARG A 77 -9.34 -6.70 16.70
N PRO A 78 -10.63 -6.85 16.48
CA PRO A 78 -11.58 -7.59 17.31
C PRO A 78 -11.68 -9.09 17.10
N GLY A 79 -11.04 -9.65 16.09
CA GLY A 79 -10.99 -11.07 15.73
C GLY A 79 -11.65 -11.35 14.40
N ALA A 80 -11.16 -12.27 13.59
CA ALA A 80 -11.72 -12.45 12.25
C ALA A 80 -13.11 -13.07 12.24
N GLU A 81 -13.25 -14.11 13.06
CA GLU A 81 -14.54 -14.79 13.17
C GLU A 81 -15.61 -13.79 13.63
N ARG A 82 -15.26 -12.95 14.60
CA ARG A 82 -16.17 -11.94 15.10
C ARG A 82 -16.57 -10.96 14.00
N ILE A 83 -15.59 -10.43 13.24
CA ILE A 83 -15.94 -9.51 12.16
C ILE A 83 -16.83 -10.19 11.14
N ALA A 84 -16.52 -11.47 10.85
CA ALA A 84 -17.38 -12.18 9.91
C ALA A 84 -18.82 -12.31 10.45
N LYS A 85 -18.97 -12.65 11.71
CA LYS A 85 -20.27 -12.79 12.34
C LYS A 85 -21.02 -11.47 12.24
N LEU A 86 -20.29 -10.36 12.30
CA LEU A 86 -20.86 -9.02 12.29
C LEU A 86 -21.17 -8.50 10.89
N GLY A 87 -20.82 -9.26 9.85
CA GLY A 87 -21.16 -8.88 8.51
C GLY A 87 -19.99 -8.62 7.59
N GLY A 88 -18.79 -8.79 8.12
CA GLY A 88 -17.56 -8.58 7.33
C GLY A 88 -17.00 -7.19 7.55
N LEU A 89 -15.74 -6.97 7.14
CA LEU A 89 -15.04 -5.72 7.44
C LEU A 89 -15.65 -4.49 6.80
N HIS A 90 -16.14 -4.60 5.56
CA HIS A 90 -16.71 -3.45 4.87
C HIS A 90 -17.90 -2.90 5.65
N SER A 91 -18.82 -3.77 6.05
CA SER A 91 -19.97 -3.35 6.83
C SER A 91 -19.59 -2.84 8.22
N PHE A 92 -18.68 -3.57 8.86
CA PHE A 92 -18.23 -3.22 10.22
C PHE A 92 -17.72 -1.78 10.31
N MET A 93 -16.80 -1.43 9.39
CA MET A 93 -16.15 -0.12 9.42
C MET A 93 -16.83 0.92 8.53
N GLY A 94 -17.77 0.50 7.70
CA GLY A 94 -18.47 1.46 6.85
C GLY A 94 -17.71 1.92 5.63
N TRP A 95 -16.91 1.06 5.04
CA TRP A 95 -16.24 1.33 3.77
C TRP A 95 -16.74 0.30 2.76
N ASP A 96 -17.45 0.71 1.72
CA ASP A 96 -18.12 -0.23 0.83
C ASP A 96 -17.38 -0.48 -0.46
N ARG A 97 -16.21 0.12 -0.64
CA ARG A 97 -15.35 -0.03 -1.80
C ARG A 97 -14.28 -1.09 -1.58
N PRO A 98 -13.44 -1.39 -2.57
CA PRO A 98 -12.43 -2.44 -2.33
C PRO A 98 -11.54 -2.21 -1.13
N ILE A 99 -11.21 -3.37 -0.52
CA ILE A 99 -10.21 -3.45 0.55
C ILE A 99 -9.18 -4.48 0.18
N LEU A 100 -7.90 -4.11 0.27
CA LEU A 100 -6.78 -5.02 0.16
C LEU A 100 -6.33 -5.33 1.60
N THR A 101 -6.17 -6.61 1.87
CA THR A 101 -5.60 -6.98 3.14
C THR A 101 -4.23 -7.65 2.98
N ASP A 102 -3.33 -7.29 3.93
CA ASP A 102 -2.05 -7.94 3.90
C ASP A 102 -2.23 -9.28 4.63
N SER A 103 -1.19 -10.12 4.57
CA SER A 103 -1.37 -11.50 5.03
C SER A 103 -1.09 -11.67 6.51
N GLY A 104 -0.36 -10.72 7.11
CA GLY A 104 -0.02 -10.90 8.51
C GLY A 104 1.41 -11.29 8.75
N GLY A 105 2.12 -11.67 7.73
CA GLY A 105 3.41 -12.26 7.60
C GLY A 105 4.47 -11.28 8.07
N TYR A 106 4.25 -10.01 7.72
CA TYR A 106 5.19 -8.99 8.14
C TYR A 106 5.11 -8.69 9.63
N GLN A 107 3.90 -8.37 10.10
CA GLN A 107 3.75 -7.95 11.49
C GLN A 107 4.02 -9.05 12.50
N VAL A 108 3.69 -10.30 12.18
CA VAL A 108 3.90 -11.38 13.15
C VAL A 108 5.38 -11.47 13.47
N MET A 109 6.24 -11.06 12.54
CA MET A 109 7.66 -11.05 12.88
C MET A 109 8.08 -9.72 13.46
N SER A 110 7.45 -8.59 13.08
CA SER A 110 8.04 -7.34 13.61
C SER A 110 7.37 -6.85 14.89
N LEU A 111 6.11 -7.19 15.15
CA LEU A 111 5.49 -6.67 16.38
C LEU A 111 5.06 -7.81 17.31
N THR A 115 8.10 -15.30 18.60
CA THR A 115 7.77 -16.15 17.47
C THR A 115 8.47 -17.51 17.48
N LYS A 116 7.79 -18.44 16.83
CA LYS A 116 8.37 -19.70 16.40
C LYS A 116 8.08 -19.84 14.90
N GLN A 117 9.12 -19.72 14.09
CA GLN A 117 9.05 -19.89 12.66
C GLN A 117 9.31 -21.37 12.30
N SER A 118 8.50 -21.86 11.36
CA SER A 118 8.63 -23.19 10.81
C SER A 118 8.05 -23.23 9.41
N GLU A 119 8.24 -24.37 8.77
CA GLU A 119 7.75 -24.52 7.40
C GLU A 119 6.24 -24.44 7.38
N GLU A 120 5.61 -24.78 8.49
CA GLU A 120 4.15 -24.72 8.60
C GLU A 120 3.56 -23.32 8.62
N GLY A 121 4.29 -22.40 9.25
CA GLY A 121 3.90 -21.03 9.47
C GLY A 121 4.62 -20.47 10.69
N VAL A 122 3.95 -19.54 11.32
CA VAL A 122 4.48 -18.90 12.51
C VAL A 122 3.51 -18.96 13.68
N THR A 123 4.05 -19.33 14.82
CA THR A 123 3.41 -19.30 16.12
C THR A 123 3.84 -18.05 16.87
N PHE A 124 2.97 -17.36 17.61
CA PHE A 124 3.36 -16.12 18.22
C PHE A 124 2.45 -15.73 19.39
N LYS A 125 2.88 -14.78 20.20
CA LYS A 125 2.13 -14.14 21.28
C LYS A 125 1.93 -12.65 21.01
N MET A 134 -0.97 -19.67 15.95
CA MET A 134 -0.43 -20.03 14.63
C MET A 134 -0.99 -19.14 13.53
N LEU A 135 -0.12 -18.62 12.69
CA LEU A 135 -0.53 -18.04 11.40
C LEU A 135 0.16 -18.80 10.28
N SER A 136 -0.55 -19.23 9.27
CA SER A 136 0.10 -20.02 8.21
C SER A 136 -0.53 -19.61 6.90
N PRO A 137 -0.05 -20.08 5.75
CA PRO A 137 -0.77 -19.68 4.52
C PRO A 137 -2.27 -19.96 4.60
N GLU A 138 -2.61 -21.17 5.03
CA GLU A 138 -4.04 -21.50 4.99
C GLU A 138 -4.87 -20.65 5.95
N ARG A 139 -4.36 -20.37 7.14
N ARG A 139 -4.36 -20.38 7.14
CA ARG A 139 -5.05 -19.60 8.15
CA ARG A 139 -5.02 -19.58 8.17
C ARG A 139 -5.13 -18.13 7.72
C ARG A 139 -5.13 -18.13 7.72
N SER A 140 -4.03 -17.63 7.17
CA SER A 140 -4.01 -16.25 6.68
C SER A 140 -5.06 -16.05 5.60
N ILE A 141 -5.12 -16.95 4.62
CA ILE A 141 -6.12 -16.80 3.58
C ILE A 141 -7.54 -16.92 4.15
N GLU A 142 -7.74 -17.82 5.09
CA GLU A 142 -9.06 -17.96 5.73
C GLU A 142 -9.44 -16.69 6.48
N ILE A 143 -8.47 -16.07 7.18
CA ILE A 143 -8.76 -14.85 7.93
C ILE A 143 -9.17 -13.74 6.96
N GLN A 144 -8.44 -13.61 5.86
CA GLN A 144 -8.74 -12.60 4.86
C GLN A 144 -10.12 -12.85 4.25
N HIS A 145 -10.48 -14.13 4.05
CA HIS A 145 -11.84 -14.47 3.64
C HIS A 145 -12.89 -14.03 4.65
N LEU A 146 -12.66 -14.32 5.92
CA LEU A 146 -13.58 -13.99 7.01
C LEU A 146 -13.80 -12.48 7.08
N LEU A 147 -12.70 -11.74 6.87
CA LEU A 147 -12.78 -10.29 6.76
C LEU A 147 -13.56 -9.83 5.54
N GLY A 148 -13.60 -10.64 4.49
CA GLY A 148 -14.29 -10.26 3.26
C GLY A 148 -13.45 -9.36 2.37
N SER A 149 -12.14 -9.55 2.44
CA SER A 149 -11.18 -8.87 1.61
CA SER A 149 -11.26 -8.71 1.62
C SER A 149 -11.43 -8.95 0.12
N ASP A 150 -11.22 -7.88 -0.63
CA ASP A 150 -11.33 -7.93 -2.08
C ASP A 150 -10.03 -8.34 -2.76
N ILE A 151 -8.91 -7.84 -2.24
CA ILE A 151 -7.60 -8.23 -2.73
C ILE A 151 -6.86 -8.90 -1.56
N VAL A 152 -6.58 -10.18 -1.72
CA VAL A 152 -5.95 -11.06 -0.73
C VAL A 152 -4.48 -11.13 -1.06
N MET A 153 -3.52 -10.86 -0.22
CA MET A 153 -2.10 -11.09 -0.28
C MET A 153 -1.74 -12.50 0.19
N ALA A 154 -0.92 -13.17 -0.62
CA ALA A 154 -0.31 -14.41 -0.27
C ALA A 154 0.44 -14.20 1.05
N PHE A 155 0.43 -15.23 1.86
CA PHE A 155 1.21 -15.28 3.08
C PHE A 155 2.68 -15.53 2.73
N ASP A 156 3.53 -14.59 3.15
CA ASP A 156 4.93 -14.70 2.81
C ASP A 156 5.79 -14.43 4.03
N GLU A 157 7.08 -14.32 3.80
CA GLU A 157 8.09 -13.87 4.76
C GLU A 157 8.78 -12.62 4.21
N CYS A 158 8.68 -11.49 4.94
CA CYS A 158 9.40 -10.30 4.51
C CYS A 158 10.85 -10.35 5.00
N THR A 159 11.76 -10.75 4.11
CA THR A 159 13.18 -10.93 4.48
C THR A 159 13.79 -9.67 5.06
N PRO A 160 14.43 -9.72 6.22
CA PRO A 160 15.08 -8.53 6.79
C PRO A 160 16.14 -7.97 5.85
N TYR A 161 16.39 -6.68 5.96
CA TYR A 161 17.42 -5.98 5.20
C TYR A 161 18.46 -5.41 6.14
N PRO A 162 19.74 -5.62 5.87
CA PRO A 162 20.30 -6.49 4.84
C PRO A 162 20.24 -7.98 5.19
N ALA A 163 20.42 -8.80 4.16
CA ALA A 163 20.44 -10.25 4.25
C ALA A 163 21.52 -10.83 3.36
N THR A 164 22.19 -11.87 3.84
CA THR A 164 23.18 -12.52 3.01
C THR A 164 22.44 -13.26 1.90
N PRO A 165 23.08 -13.44 0.76
CA PRO A 165 22.43 -14.19 -0.32
C PRO A 165 21.92 -15.58 0.09
N SER A 166 22.63 -16.31 0.94
CA SER A 166 22.16 -17.63 1.35
CA SER A 166 22.14 -17.64 1.32
C SER A 166 20.81 -17.57 2.07
N ARG A 167 20.67 -16.69 3.04
CA ARG A 167 19.53 -16.40 3.89
C ARG A 167 18.40 -15.83 3.05
N ALA A 168 18.75 -14.90 2.16
CA ALA A 168 17.66 -14.39 1.30
C ALA A 168 17.10 -15.46 0.39
N ALA A 169 17.96 -16.36 -0.09
CA ALA A 169 17.49 -17.45 -0.95
C ALA A 169 16.60 -18.41 -0.17
N SER A 170 17.04 -18.81 1.02
CA SER A 170 16.24 -19.72 1.84
C SER A 170 14.87 -19.11 2.15
N SER A 171 14.90 -17.81 2.45
CA SER A 171 13.67 -17.10 2.79
C SER A 171 12.71 -17.00 1.61
N MET A 172 13.26 -16.59 0.46
CA MET A 172 12.50 -16.49 -0.78
C MET A 172 11.89 -17.85 -1.12
N GLU A 173 12.67 -18.92 -1.02
CA GLU A 173 12.20 -20.25 -1.40
C GLU A 173 11.02 -20.66 -0.55
N ARG A 174 11.10 -20.40 0.76
CA ARG A 174 10.00 -20.63 1.70
CA ARG A 174 9.97 -20.70 1.65
C ARG A 174 8.76 -19.87 1.23
N SER A 175 9.00 -18.56 0.97
CA SER A 175 7.88 -17.74 0.54
C SER A 175 7.25 -18.29 -0.73
N MET A 176 8.08 -18.89 -1.60
CA MET A 176 7.42 -19.33 -2.85
C MET A 176 6.61 -20.61 -2.60
N ARG A 177 7.08 -21.45 -1.70
CA ARG A 177 6.28 -22.63 -1.30
C ARG A 177 5.00 -22.15 -0.64
N TRP A 178 5.11 -21.10 0.18
CA TRP A 178 3.94 -20.52 0.83
C TRP A 178 2.96 -19.87 -0.15
N ALA A 179 3.48 -19.38 -1.26
CA ALA A 179 2.67 -18.72 -2.29
C ALA A 179 1.80 -19.77 -3.00
N LYS A 180 2.40 -20.94 -3.22
CA LYS A 180 1.60 -22.03 -3.81
C LYS A 180 0.53 -22.49 -2.85
N ARG A 181 0.89 -22.68 -1.58
CA ARG A 181 -0.12 -23.02 -0.56
C ARG A 181 -1.20 -21.96 -0.47
N SER A 182 -0.82 -20.68 -0.55
CA SER A 182 -1.82 -19.58 -0.50
C SER A 182 -2.78 -19.68 -1.68
N ARG A 183 -2.25 -19.96 -2.87
CA ARG A 183 -3.01 -20.11 -4.12
C ARG A 183 -4.05 -21.19 -3.97
N ASP A 184 -3.58 -22.33 -3.46
CA ASP A 184 -4.49 -23.46 -3.37
C ASP A 184 -5.54 -23.23 -2.27
N ALA A 185 -5.16 -22.58 -1.17
CA ALA A 185 -6.11 -22.34 -0.09
C ALA A 185 -7.20 -21.41 -0.61
N PHE A 186 -6.80 -20.36 -1.33
CA PHE A 186 -7.77 -19.44 -1.92
C PHE A 186 -8.69 -20.13 -2.90
N ASP A 187 -8.18 -20.97 -3.79
CA ASP A 187 -8.99 -21.59 -4.83
C ASP A 187 -9.95 -22.63 -4.27
N SER A 188 -9.66 -23.10 -3.06
CA SER A 188 -10.37 -24.15 -2.34
CA SER A 188 -10.44 -24.19 -2.47
C SER A 188 -11.74 -23.70 -1.86
N ARG A 189 -11.88 -22.37 -1.78
CA ARG A 189 -13.05 -21.70 -1.25
C ARG A 189 -13.79 -21.00 -2.39
N LYS A 190 -14.86 -21.59 -2.89
CA LYS A 190 -15.63 -21.12 -4.03
C LYS A 190 -15.99 -19.64 -3.95
N GLU A 191 -16.56 -19.22 -2.80
CA GLU A 191 -16.97 -17.82 -2.65
CA GLU A 191 -16.99 -17.82 -2.75
C GLU A 191 -15.83 -16.84 -2.79
N GLN A 192 -14.69 -17.22 -2.22
CA GLN A 192 -13.53 -16.37 -2.23
C GLN A 192 -12.96 -16.30 -3.66
N ALA A 193 -12.73 -17.46 -4.24
CA ALA A 193 -12.22 -17.52 -5.62
C ALA A 193 -13.12 -16.80 -6.61
N GLU A 194 -14.43 -16.74 -6.36
CA GLU A 194 -15.32 -16.11 -7.34
C GLU A 194 -15.44 -14.61 -7.11
N ASN A 195 -15.12 -14.12 -5.91
CA ASN A 195 -15.45 -12.73 -5.62
C ASN A 195 -14.23 -11.90 -5.28
N ALA A 196 -13.13 -12.50 -4.89
CA ALA A 196 -11.91 -11.77 -4.55
C ALA A 196 -10.82 -12.02 -5.57
N ALA A 197 -9.70 -11.32 -5.42
CA ALA A 197 -8.48 -11.52 -6.17
C ALA A 197 -7.34 -11.87 -5.21
N LEU A 198 -6.33 -12.54 -5.75
CA LEU A 198 -5.15 -13.01 -5.04
C LEU A 198 -3.88 -12.45 -5.66
N PHE A 199 -3.05 -11.80 -4.85
CA PHE A 199 -1.75 -11.29 -5.31
C PHE A 199 -0.61 -12.13 -4.72
N GLY A 200 0.39 -12.41 -5.55
CA GLY A 200 1.62 -12.99 -5.10
C GLY A 200 2.64 -11.94 -4.71
N ILE A 201 3.63 -12.34 -3.89
CA ILE A 201 4.63 -11.40 -3.45
C ILE A 201 6.04 -11.89 -3.77
N GLN A 202 6.73 -11.11 -4.58
CA GLN A 202 8.13 -11.39 -4.93
C GLN A 202 9.02 -10.99 -3.76
N GLN A 203 9.94 -11.79 -3.29
CA GLN A 203 11.07 -11.65 -2.46
C GLN A 203 12.40 -11.86 -3.17
N GLY A 204 13.48 -12.06 -2.46
CA GLY A 204 14.82 -12.10 -2.97
C GLY A 204 15.77 -11.01 -2.56
N SER A 205 15.34 -10.26 -1.55
CA SER A 205 16.17 -9.17 -1.05
C SER A 205 16.58 -8.25 -2.19
N VAL A 206 17.86 -7.89 -2.24
CA VAL A 206 18.33 -6.95 -3.25
C VAL A 206 19.06 -7.66 -4.38
N PHE A 207 18.88 -8.99 -4.48
CA PHE A 207 19.65 -9.77 -5.42
C PHE A 207 18.91 -10.18 -6.69
N GLU A 208 19.52 -9.81 -7.82
CA GLU A 208 18.83 -9.95 -9.11
C GLU A 208 18.46 -11.40 -9.38
N ASN A 209 19.43 -12.31 -9.25
CA ASN A 209 19.10 -13.71 -9.53
C ASN A 209 17.97 -14.25 -8.65
N LEU A 210 17.93 -13.91 -7.36
CA LEU A 210 16.84 -14.37 -6.50
C LEU A 210 15.50 -13.70 -6.84
N ARG A 211 15.51 -12.42 -7.16
CA ARG A 211 14.30 -11.77 -7.67
C ARG A 211 13.76 -12.44 -8.93
N GLN A 212 14.62 -12.84 -9.86
CA GLN A 212 14.18 -13.56 -11.06
C GLN A 212 13.57 -14.92 -10.75
N GLN A 213 14.24 -15.69 -9.88
CA GLN A 213 13.73 -16.98 -9.47
C GLN A 213 12.33 -16.82 -8.90
N SER A 214 12.25 -15.79 -8.05
CA SER A 214 10.97 -15.54 -7.41
C SER A 214 9.89 -15.16 -8.40
N ALA A 215 10.18 -14.23 -9.30
CA ALA A 215 9.18 -13.84 -10.30
C ALA A 215 8.72 -15.05 -11.09
N ASP A 216 9.71 -15.88 -11.44
CA ASP A 216 9.43 -17.07 -12.24
C ASP A 216 8.46 -18.00 -11.51
N ALA A 217 8.76 -18.23 -10.23
CA ALA A 217 7.93 -19.11 -9.42
C ALA A 217 6.50 -18.62 -9.35
N LEU A 218 6.36 -17.31 -9.17
CA LEU A 218 5.08 -16.65 -8.96
C LEU A 218 4.24 -16.74 -10.24
N ALA A 219 4.94 -16.47 -11.36
CA ALA A 219 4.22 -16.49 -12.64
C ALA A 219 3.74 -17.90 -12.98
N GLU A 220 4.55 -18.90 -12.61
CA GLU A 220 4.19 -20.30 -12.86
CA GLU A 220 4.14 -20.27 -12.94
C GLU A 220 2.93 -20.65 -12.09
N ILE A 221 2.86 -20.19 -10.85
CA ILE A 221 1.64 -20.42 -10.06
C ILE A 221 0.46 -19.69 -10.66
N GLY A 222 0.70 -18.42 -10.96
CA GLY A 222 -0.31 -17.56 -11.56
C GLY A 222 -1.06 -16.82 -10.45
N PHE A 223 -1.05 -15.50 -10.52
CA PHE A 223 -1.78 -14.61 -9.63
C PHE A 223 -2.52 -13.51 -10.39
N ASP A 224 -3.44 -12.81 -9.70
CA ASP A 224 -4.11 -11.68 -10.34
C ASP A 224 -3.27 -10.41 -10.37
N GLY A 225 -2.31 -10.30 -9.46
CA GLY A 225 -1.37 -9.20 -9.42
C GLY A 225 -0.13 -9.66 -8.66
N TYR A 226 0.90 -8.84 -8.74
CA TYR A 226 2.23 -9.20 -8.26
C TYR A 226 2.78 -8.05 -7.43
N ALA A 227 3.06 -8.32 -6.17
CA ALA A 227 3.68 -7.30 -5.34
C ALA A 227 5.20 -7.48 -5.36
N VAL A 228 5.88 -6.35 -5.15
CA VAL A 228 7.32 -6.38 -4.89
C VAL A 228 7.46 -6.26 -3.39
N GLY A 229 7.80 -7.36 -2.73
CA GLY A 229 7.92 -7.35 -1.29
C GLY A 229 9.36 -7.08 -0.92
N GLY A 230 9.56 -6.80 0.34
CA GLY A 230 10.85 -6.73 0.96
C GLY A 230 11.70 -5.50 0.71
N LEU A 231 11.14 -4.43 0.19
CA LEU A 231 11.87 -3.23 -0.15
C LEU A 231 11.48 -2.02 0.69
N ALA A 232 10.71 -2.22 1.76
CA ALA A 232 10.35 -1.08 2.61
C ALA A 232 10.90 -1.31 4.01
N VAL A 233 12.05 -2.00 4.08
CA VAL A 233 12.55 -2.55 5.35
C VAL A 233 13.94 -2.10 5.66
N GLY A 234 14.34 -0.93 5.15
CA GLY A 234 15.60 -0.32 5.53
C GLY A 234 16.46 0.16 4.39
N GLN A 235 16.09 -0.21 3.16
CA GLN A 235 16.85 0.24 2.01
C GLN A 235 16.65 1.73 1.77
N GLY A 236 17.74 2.41 1.46
CA GLY A 236 17.64 3.79 1.03
C GLY A 236 17.06 3.85 -0.37
N GLN A 237 16.66 5.04 -0.78
CA GLN A 237 15.97 5.18 -2.06
C GLN A 237 16.80 4.71 -3.24
N ASP A 238 18.07 5.12 -3.24
CA ASP A 238 18.93 4.69 -4.33
C ASP A 238 18.89 3.17 -4.52
N GLU A 239 19.06 2.48 -3.41
CA GLU A 239 19.05 1.02 -3.45
C GLU A 239 17.69 0.44 -3.85
N MET A 240 16.61 0.96 -3.27
CA MET A 240 15.27 0.48 -3.61
CA MET A 240 15.27 0.49 -3.61
C MET A 240 15.05 0.66 -5.11
N PHE A 241 15.40 1.83 -5.65
CA PHE A 241 15.28 2.11 -7.09
C PHE A 241 16.13 1.16 -7.92
N ARG A 242 17.36 0.89 -7.46
CA ARG A 242 18.23 -0.04 -8.17
C ARG A 242 17.58 -1.40 -8.32
N VAL A 243 16.94 -1.86 -7.26
CA VAL A 243 16.35 -3.19 -7.24
C VAL A 243 15.08 -3.20 -8.08
N LEU A 244 14.28 -2.12 -7.96
CA LEU A 244 13.12 -2.00 -8.85
C LEU A 244 13.50 -2.03 -10.33
N ASP A 245 14.64 -1.41 -10.67
CA ASP A 245 15.05 -1.31 -12.07
C ASP A 245 15.06 -2.68 -12.74
N PHE A 246 15.56 -3.71 -12.06
CA PHE A 246 15.59 -5.03 -12.68
C PHE A 246 14.41 -5.89 -12.23
N SER A 247 13.78 -5.54 -11.12
CA SER A 247 12.79 -6.46 -10.56
C SER A 247 11.43 -6.35 -11.22
N VAL A 248 10.98 -5.10 -11.47
CA VAL A 248 9.62 -4.95 -12.03
C VAL A 248 9.54 -5.57 -13.42
N PRO A 249 10.51 -5.42 -14.32
CA PRO A 249 10.36 -6.05 -15.65
C PRO A 249 10.23 -7.56 -15.59
N MET A 250 10.61 -8.20 -14.48
CA MET A 250 10.46 -9.63 -14.32
C MET A 250 9.03 -10.12 -14.15
N LEU A 251 8.16 -9.22 -13.70
CA LEU A 251 6.79 -9.54 -13.40
C LEU A 251 5.97 -9.53 -14.69
N PRO A 252 4.87 -10.26 -14.74
CA PRO A 252 3.97 -10.17 -15.91
C PRO A 252 3.53 -8.74 -16.13
N ASP A 253 3.71 -8.29 -17.37
CA ASP A 253 3.43 -6.90 -17.73
C ASP A 253 1.97 -6.54 -17.60
N ASP A 254 1.10 -7.51 -17.90
CA ASP A 254 -0.32 -7.24 -18.04
C ASP A 254 -1.06 -7.36 -16.72
N LYS A 255 -0.36 -7.46 -15.59
CA LYS A 255 -0.99 -7.53 -14.28
C LYS A 255 -0.50 -6.38 -13.38
N PRO A 256 -1.26 -5.96 -12.39
CA PRO A 256 -0.78 -4.86 -11.56
C PRO A 256 0.48 -5.23 -10.78
N HIS A 257 1.26 -4.19 -10.54
CA HIS A 257 2.50 -4.28 -9.80
C HIS A 257 2.40 -3.47 -8.52
N TYR A 258 2.58 -4.14 -7.37
CA TYR A 258 2.28 -3.46 -6.09
C TYR A 258 3.55 -3.45 -5.24
N LEU A 259 3.96 -2.20 -4.92
CA LEU A 259 5.14 -1.99 -4.08
C LEU A 259 4.68 -1.79 -2.65
N MET A 260 4.86 -2.84 -1.87
CA MET A 260 4.32 -2.82 -0.49
C MET A 260 5.11 -1.88 0.38
N GLY A 261 4.39 -1.02 1.10
CA GLY A 261 5.03 -0.25 2.12
C GLY A 261 5.74 1.02 1.70
N VAL A 262 5.66 1.39 0.44
CA VAL A 262 6.24 2.60 -0.11
C VAL A 262 5.17 3.60 -0.52
N GLY A 263 5.33 4.87 -0.19
CA GLY A 263 6.41 5.45 0.55
C GLY A 263 6.28 6.97 0.55
N LYS A 264 7.41 7.65 0.58
CA LYS A 264 7.44 9.11 0.48
C LYS A 264 6.97 9.56 -0.91
N PRO A 265 6.46 10.78 -1.03
CA PRO A 265 6.02 11.25 -2.36
C PRO A 265 7.06 11.01 -3.43
N ASP A 266 8.34 11.27 -3.16
CA ASP A 266 9.36 11.08 -4.20
C ASP A 266 9.68 9.61 -4.45
N ASP A 267 9.48 8.77 -3.42
CA ASP A 267 9.59 7.32 -3.63
C ASP A 267 8.56 6.82 -4.66
N ILE A 268 7.36 7.38 -4.49
CA ILE A 268 6.22 6.96 -5.31
C ILE A 268 6.44 7.38 -6.75
N VAL A 269 6.82 8.64 -7.01
CA VAL A 269 7.10 9.09 -8.36
C VAL A 269 8.13 8.20 -9.04
N GLY A 270 9.26 7.93 -8.36
CA GLY A 270 10.33 7.13 -8.91
C GLY A 270 9.94 5.71 -9.16
N ALA A 271 9.10 5.17 -8.29
CA ALA A 271 8.61 3.80 -8.48
C ALA A 271 7.63 3.70 -9.66
N VAL A 272 6.76 4.70 -9.86
CA VAL A 272 5.91 4.70 -11.05
C VAL A 272 6.78 4.74 -12.30
N GLU A 273 7.89 5.48 -12.26
CA GLU A 273 8.83 5.59 -13.37
C GLU A 273 9.44 4.22 -13.72
N ARG A 274 9.36 3.31 -12.78
CA ARG A 274 9.94 1.99 -12.88
C ARG A 274 8.88 0.91 -12.98
N GLY A 275 7.61 1.29 -13.14
CA GLY A 275 6.56 0.38 -13.48
C GLY A 275 5.64 -0.08 -12.37
N ILE A 276 5.59 0.60 -11.23
CA ILE A 276 4.69 0.21 -10.16
C ILE A 276 3.34 0.89 -10.35
N ASP A 277 2.28 0.16 -10.02
CA ASP A 277 0.90 0.52 -10.18
C ASP A 277 0.15 0.80 -8.88
N MET A 278 0.65 0.31 -7.75
CA MET A 278 -0.05 0.35 -6.47
C MET A 278 0.94 0.56 -5.33
N PHE A 279 0.52 1.32 -4.36
CA PHE A 279 1.28 1.73 -3.21
C PHE A 279 0.43 1.74 -1.95
N ASP A 280 1.10 1.51 -0.83
CA ASP A 280 0.53 1.79 0.49
C ASP A 280 1.62 2.27 1.43
N CYS A 281 1.31 3.08 2.43
CA CYS A 281 2.25 3.27 3.52
CA CYS A 281 2.29 3.56 3.39
C CYS A 281 1.56 4.10 4.61
N VAL A 282 2.05 3.97 5.83
CA VAL A 282 1.44 4.68 6.96
C VAL A 282 1.96 6.11 7.08
N LEU A 283 2.90 6.52 6.25
CA LEU A 283 3.48 7.84 6.43
C LEU A 283 2.42 8.96 6.44
N PRO A 284 1.50 9.10 5.51
CA PRO A 284 0.60 10.26 5.58
C PRO A 284 -0.26 10.31 6.85
N THR A 285 -0.72 9.18 7.35
CA THR A 285 -1.49 9.16 8.58
C THR A 285 -0.61 9.37 9.81
N ARG A 286 0.42 8.54 9.93
CA ARG A 286 1.30 8.60 11.10
C ARG A 286 2.03 9.93 11.20
N SER A 287 2.65 10.37 10.10
CA SER A 287 3.31 11.66 10.00
C SER A 287 2.37 12.81 10.39
N GLY A 288 1.15 12.66 9.89
CA GLY A 288 0.15 13.70 10.06
C GLY A 288 -0.13 13.88 11.53
N ARG A 289 -0.32 12.74 12.21
CA ARG A 289 -0.59 12.88 13.63
C ARG A 289 0.58 13.49 14.38
N ASN A 290 1.80 13.34 13.84
CA ASN A 290 2.98 13.83 14.56
CA ASN A 290 2.98 13.83 14.56
C ASN A 290 3.37 15.24 14.14
N GLY A 291 2.59 15.83 13.25
CA GLY A 291 2.83 17.23 12.91
C GLY A 291 3.50 17.44 11.57
N GLN A 292 3.77 16.38 10.81
CA GLN A 292 4.36 16.59 9.49
C GLN A 292 3.27 16.69 8.41
N ALA A 293 3.27 17.79 7.67
CA ALA A 293 2.35 18.00 6.57
C ALA A 293 3.11 17.99 5.23
N PHE A 294 2.64 17.26 4.26
CA PHE A 294 3.18 17.25 2.90
C PHE A 294 2.70 18.46 2.11
N THR A 295 3.62 19.10 1.43
CA THR A 295 3.39 20.21 0.51
C THR A 295 4.17 20.00 -0.79
N TRP A 296 3.84 20.73 -1.85
CA TRP A 296 4.56 20.56 -3.11
C TRP A 296 5.99 21.07 -3.07
N ASP A 297 6.24 21.91 -2.08
CA ASP A 297 7.57 22.37 -1.73
C ASP A 297 8.21 21.56 -0.62
N GLY A 298 7.77 20.33 -0.39
CA GLY A 298 8.31 19.48 0.65
C GLY A 298 7.53 19.47 1.94
N PRO A 299 7.87 18.52 2.80
CA PRO A 299 7.17 18.42 4.10
C PRO A 299 7.51 19.59 5.00
N ILE A 300 6.55 19.95 5.83
CA ILE A 300 6.77 20.93 6.88
C ILE A 300 6.33 20.37 8.22
N ASN A 301 6.97 20.83 9.30
CA ASN A 301 6.58 20.36 10.62
C ASN A 301 5.79 21.54 11.24
N ILE A 302 4.50 21.31 11.28
CA ILE A 302 3.59 22.36 11.66
C ILE A 302 3.78 22.79 13.10
N ARG A 303 4.48 21.99 13.91
CA ARG A 303 4.71 22.41 15.29
CA ARG A 303 4.71 22.42 15.29
C ARG A 303 5.72 23.57 15.35
N ASN A 304 6.49 23.74 14.27
CA ASN A 304 7.50 24.80 14.29
C ASN A 304 6.91 26.18 14.62
N ALA A 305 7.56 26.90 15.53
CA ALA A 305 7.09 28.24 15.94
C ALA A 305 6.85 29.18 14.77
N ARG A 306 7.51 28.97 13.65
CA ARG A 306 7.31 29.88 12.52
C ARG A 306 5.89 29.83 11.97
N PHE A 307 5.11 28.81 12.33
CA PHE A 307 3.76 28.74 11.78
C PHE A 307 2.73 29.34 12.74
N SER A 308 3.18 29.86 13.87
CA SER A 308 2.21 30.26 14.91
C SER A 308 1.23 31.36 14.50
N GLU A 309 1.64 32.17 13.54
CA GLU A 309 0.76 33.25 13.06
C GLU A 309 0.66 33.22 11.53
N ASP A 310 0.93 32.04 10.95
CA ASP A 310 0.88 31.90 9.49
C ASP A 310 -0.55 31.63 9.05
N LEU A 311 -1.15 32.56 8.33
CA LEU A 311 -2.54 32.43 7.92
C LEU A 311 -2.77 31.62 6.65
N LYS A 312 -1.69 31.20 5.98
CA LYS A 312 -1.79 30.40 4.76
C LYS A 312 -2.32 28.99 5.07
N PRO A 313 -2.91 28.33 4.09
CA PRO A 313 -3.20 26.89 4.23
C PRO A 313 -1.92 26.07 4.32
N LEU A 314 -2.04 24.83 4.77
CA LEU A 314 -0.92 23.90 4.79
C LEU A 314 -0.15 23.95 3.48
N ASP A 315 -0.89 23.89 2.39
CA ASP A 315 -0.28 23.95 1.06
C ASP A 315 -1.06 24.93 0.19
N SER A 316 -0.34 25.76 -0.55
CA SER A 316 -0.88 26.83 -1.37
C SER A 316 -1.73 26.36 -2.54
N GLU A 317 -1.55 25.13 -2.96
CA GLU A 317 -2.32 24.67 -4.11
C GLU A 317 -3.38 23.62 -3.83
N CYS A 318 -3.27 22.97 -2.68
CA CYS A 318 -4.06 21.83 -2.31
C CYS A 318 -5.55 22.18 -2.31
N HIS A 319 -6.31 21.27 -2.91
CA HIS A 319 -7.77 21.43 -3.02
C HIS A 319 -8.54 20.77 -1.88
N CYS A 320 -7.86 20.23 -0.87
CA CYS A 320 -8.58 19.53 0.19
C CYS A 320 -9.41 20.47 1.07
N ALA A 321 -10.33 19.85 1.81
CA ALA A 321 -11.23 20.61 2.68
C ALA A 321 -10.49 21.36 3.78
N VAL A 322 -9.36 20.80 4.18
CA VAL A 322 -8.59 21.39 5.28
C VAL A 322 -7.98 22.71 4.81
N CYS A 323 -7.43 22.69 3.59
CA CYS A 323 -6.77 23.87 3.06
C CYS A 323 -7.79 24.92 2.64
N GLN A 324 -9.03 24.51 2.38
CA GLN A 324 -10.09 25.47 2.05
C GLN A 324 -10.51 26.26 3.28
N LYS A 325 -10.29 25.74 4.48
CA LYS A 325 -10.97 26.24 5.67
C LYS A 325 -10.12 26.70 6.85
N TRP A 326 -8.99 26.04 7.04
CA TRP A 326 -8.15 26.36 8.20
C TRP A 326 -6.73 26.77 7.83
N SER A 327 -6.17 27.59 8.71
CA SER A 327 -4.82 28.07 8.55
C SER A 327 -3.80 27.18 9.24
N ARG A 328 -2.56 27.36 8.78
CA ARG A 328 -1.42 26.78 9.46
C ARG A 328 -1.42 27.17 10.93
N ALA A 329 -1.74 28.44 11.20
CA ALA A 329 -1.72 28.92 12.59
C ALA A 329 -2.64 28.10 13.49
N TYR A 330 -3.82 27.80 12.97
CA TYR A 330 -4.82 27.07 13.81
C TYR A 330 -4.36 25.63 14.00
N ILE A 331 -3.90 25.01 12.91
CA ILE A 331 -3.47 23.59 13.01
C ILE A 331 -2.24 23.47 13.88
N HIS A 332 -1.32 24.45 13.78
CA HIS A 332 -0.20 24.55 14.70
C HIS A 332 -0.65 24.52 16.16
N HIS A 333 -1.64 25.37 16.44
CA HIS A 333 -2.22 25.41 17.80
C HIS A 333 -2.76 24.06 18.23
N LEU A 334 -3.57 23.46 17.36
CA LEU A 334 -4.18 22.15 17.64
C LEU A 334 -3.14 21.06 17.96
N ILE A 335 -2.12 20.94 17.13
CA ILE A 335 -1.10 19.91 17.33
C ILE A 335 -0.31 20.20 18.60
N ARG A 336 0.06 21.47 18.83
CA ARG A 336 0.79 21.76 20.07
C ARG A 336 -0.05 21.49 21.30
N ALA A 337 -1.35 21.68 21.18
CA ALA A 337 -2.27 21.45 22.27
C ALA A 337 -2.65 19.98 22.43
N GLY A 338 -2.23 19.12 21.52
CA GLY A 338 -2.62 17.71 21.57
C GLY A 338 -4.07 17.45 21.29
N GLU A 339 -4.70 18.31 20.52
CA GLU A 339 -6.13 18.23 20.20
C GLU A 339 -6.41 17.20 19.11
N ILE A 340 -7.45 16.40 19.35
CA ILE A 340 -7.86 15.42 18.34
C ILE A 340 -8.11 16.04 16.98
N LEU A 341 -8.72 17.22 16.96
CA LEU A 341 -9.02 17.85 15.67
C LEU A 341 -7.71 18.13 14.92
N GLY A 342 -6.61 18.39 15.63
CA GLY A 342 -5.35 18.52 14.91
C GLY A 342 -4.95 17.28 14.15
N ALA A 343 -5.04 16.10 14.77
CA ALA A 343 -4.78 14.83 14.10
C ALA A 343 -5.71 14.62 12.91
N MET A 344 -6.99 14.91 13.11
CA MET A 344 -7.97 14.78 12.02
C MET A 344 -7.62 15.66 10.83
N LEU A 345 -7.35 16.95 11.10
CA LEU A 345 -7.07 17.85 9.97
C LEU A 345 -5.76 17.52 9.26
N MET A 346 -4.71 17.23 10.04
CA MET A 346 -3.44 16.90 9.42
C MET A 346 -3.56 15.64 8.57
N THR A 347 -4.31 14.64 9.10
CA THR A 347 -4.43 13.38 8.37
C THR A 347 -5.22 13.54 7.09
N GLU A 348 -6.33 14.28 7.14
CA GLU A 348 -7.10 14.50 5.94
C GLU A 348 -6.27 15.19 4.85
N HIS A 349 -5.55 16.23 5.25
CA HIS A 349 -4.73 16.94 4.26
C HIS A 349 -3.70 16.01 3.64
N ASN A 350 -2.99 15.27 4.51
CA ASN A 350 -1.92 14.41 3.99
C ASN A 350 -2.46 13.34 3.06
N ILE A 351 -3.59 12.73 3.44
CA ILE A 351 -4.13 11.73 2.52
C ILE A 351 -4.61 12.38 1.24
N ALA A 352 -5.19 13.56 1.31
CA ALA A 352 -5.61 14.26 0.10
C ALA A 352 -4.42 14.63 -0.76
N PHE A 353 -3.31 15.06 -0.14
CA PHE A 353 -2.11 15.39 -0.88
C PHE A 353 -1.65 14.15 -1.66
N TYR A 354 -1.55 13.00 -0.99
CA TYR A 354 -1.13 11.77 -1.66
C TYR A 354 -2.07 11.49 -2.83
N GLN A 355 -3.38 11.65 -2.66
CA GLN A 355 -4.30 11.35 -3.75
C GLN A 355 -4.13 12.34 -4.91
N GLN A 356 -3.88 13.62 -4.60
CA GLN A 356 -3.66 14.62 -5.66
C GLN A 356 -2.37 14.26 -6.38
N LEU A 357 -1.35 13.78 -5.65
CA LEU A 357 -0.13 13.32 -6.30
C LEU A 357 -0.46 12.19 -7.27
N MET A 358 -1.23 11.19 -6.82
CA MET A 358 -1.53 10.09 -7.72
C MET A 358 -2.33 10.59 -8.92
N GLN A 359 -3.25 11.55 -8.74
CA GLN A 359 -4.03 12.06 -9.85
C GLN A 359 -3.14 12.76 -10.88
N LYS A 360 -2.17 13.52 -10.40
CA LYS A 360 -1.24 14.24 -11.26
C LYS A 360 -0.38 13.24 -12.05
N ILE A 361 -0.01 12.15 -11.39
CA ILE A 361 0.74 11.09 -12.04
C ILE A 361 -0.10 10.45 -13.13
N ARG A 362 -1.33 10.06 -12.80
CA ARG A 362 -2.17 9.43 -13.83
C ARG A 362 -2.42 10.32 -15.02
N ASP A 363 -2.74 11.60 -14.76
CA ASP A 363 -3.02 12.55 -15.85
C ASP A 363 -1.79 12.78 -16.71
N SER A 364 -0.63 12.90 -16.06
CA SER A 364 0.57 13.18 -16.85
C SER A 364 0.96 11.96 -17.69
N ILE A 365 0.82 10.74 -17.22
CA ILE A 365 1.07 9.55 -18.05
C ILE A 365 0.09 9.53 -19.22
N SER A 366 -1.19 9.75 -18.91
CA SER A 366 -2.24 9.80 -19.94
C SER A 366 -1.92 10.80 -21.02
N GLU A 367 -1.21 11.86 -20.65
CA GLU A 367 -0.89 12.93 -21.62
C GLU A 367 0.51 12.86 -22.18
N GLY A 368 1.28 11.83 -21.80
CA GLY A 368 2.64 11.62 -22.25
C GLY A 368 3.66 12.64 -21.80
N ARG A 369 3.46 13.21 -20.62
CA ARG A 369 4.30 14.22 -20.04
C ARG A 369 4.64 13.87 -18.60
N PHE A 370 4.67 12.56 -18.34
CA PHE A 370 4.99 12.12 -16.98
C PHE A 370 6.45 12.32 -16.66
N SER A 371 7.35 12.06 -17.60
CA SER A 371 8.78 12.23 -17.34
CA SER A 371 8.77 12.22 -17.27
C SER A 371 9.05 13.67 -16.94
N GLN A 372 8.38 14.61 -17.63
CA GLN A 372 8.54 16.02 -17.31
C GLN A 372 7.95 16.35 -15.95
N PHE A 373 6.77 15.77 -15.68
CA PHE A 373 6.14 15.94 -14.37
C PHE A 373 7.08 15.51 -13.24
N ALA A 374 7.68 14.35 -13.39
CA ALA A 374 8.59 13.83 -12.36
C ALA A 374 9.78 14.78 -12.12
N GLN A 375 10.34 15.30 -13.22
CA GLN A 375 11.44 16.26 -13.13
C GLN A 375 11.00 17.52 -12.39
N ASP A 376 9.84 18.01 -12.79
CA ASP A 376 9.32 19.23 -12.21
C ASP A 376 8.99 19.02 -10.74
N PHE A 377 8.36 17.89 -10.44
CA PHE A 377 7.99 17.57 -9.07
C PHE A 377 9.24 17.57 -8.21
N ARG A 378 10.25 16.83 -8.66
CA ARG A 378 11.53 16.74 -8.00
CA ARG A 378 11.47 16.74 -7.86
C ARG A 378 12.19 18.08 -7.70
N ALA A 379 12.29 18.90 -8.74
CA ALA A 379 12.94 20.18 -8.61
C ALA A 379 12.30 21.03 -7.51
N ARG A 380 10.98 21.00 -7.42
CA ARG A 380 10.26 21.84 -6.47
C ARG A 380 10.21 21.19 -5.10
N TYR A 381 9.95 19.90 -5.03
CA TYR A 381 9.80 19.24 -3.74
C TYR A 381 11.11 19.30 -2.97
N PHE A 382 12.21 19.26 -3.72
CA PHE A 382 13.49 19.23 -3.03
C PHE A 382 14.13 20.60 -2.91
N ALA A 383 13.55 21.70 -3.41
CA ALA A 383 14.26 22.99 -3.45
C ALA A 383 14.77 23.46 -2.10
ZN ZN B . -4.78 20.35 1.95
N1 BDI C . 4.28 -5.61 4.12
C1 BDI C . 5.34 -4.86 3.78
C6 BDI C . 5.52 -3.40 4.10
C7 BDI C . 6.23 -3.21 5.43
C8 BDI C . 6.35 -1.69 5.71
C9 BDI C . 6.97 -1.48 7.06
N2 BDI C . 6.29 -5.54 3.16
C2 BDI C . 5.85 -6.80 3.06
C4 BDI C . 6.46 -8.03 2.46
N5 BDI C . 5.70 -9.14 2.56
N4 BDI C . 4.43 -9.20 3.16
C5 BDI C . 3.80 -8.12 3.73
O1 BDI C . 2.71 -8.20 4.24
C3 BDI C . 4.52 -6.84 3.69
O3 BDI C . 7.58 -7.95 1.94
C1 GOL D . -17.03 4.65 0.12
O1 GOL D . -17.72 4.32 -1.10
C2 GOL D . -18.01 4.76 1.30
O2 GOL D . -18.25 3.47 1.89
C3 GOL D . -17.37 5.65 2.37
O3 GOL D . -18.04 5.50 3.61
C1 GOL E . 1.27 -1.17 5.56
C1 GOL E . 1.69 -1.00 6.04
O1 GOL E . 1.89 0.03 5.10
O1 GOL E . 2.54 -0.55 4.99
C2 GOL E . 2.27 -2.33 5.49
C2 GOL E . 1.91 -2.50 6.24
O2 GOL E . 2.54 -2.78 6.83
O2 GOL E . 1.09 -2.93 7.31
C3 GOL E . 1.72 -3.46 4.64
C3 GOL E . 1.63 -3.30 4.98
O3 GOL E . 1.95 -3.24 3.25
O3 GOL E . 1.93 -4.68 5.17
C1 GOL F . -15.05 -13.60 0.48
O1 GOL F . -13.85 -13.88 -0.23
C2 GOL F . -15.54 -12.22 0.05
O2 GOL F . -16.77 -12.34 -0.65
C3 GOL F . -14.50 -11.49 -0.80
O3 GOL F . -14.77 -10.09 -0.77
C1 GOL G . 4.56 19.59 -9.06
O1 GOL G . 5.72 20.29 -8.61
C2 GOL G . 3.57 20.59 -9.66
O2 GOL G . 2.41 19.85 -10.08
C3 GOL G . 3.08 21.55 -8.58
O3 GOL G . 1.69 21.79 -8.80
C1 GOL H . -19.74 -10.47 3.17
O1 GOL H . -20.64 -9.64 3.88
C2 GOL H . -18.48 -9.69 2.77
O2 GOL H . -17.59 -9.68 3.90
C3 GOL H . -17.83 -10.44 1.61
O3 GOL H . -16.70 -9.78 1.05
C1 GOL I . -9.12 16.50 -1.80
O1 GOL I . -8.46 17.16 -2.88
C2 GOL I . -10.54 17.08 -1.64
O2 GOL I . -11.14 16.45 -0.51
C3 GOL I . -11.35 16.69 -2.89
O3 GOL I . -11.19 15.29 -3.13
C1 GOL J . 6.13 -21.75 -7.64
O1 GOL J . 6.22 -22.06 -9.03
C2 GOL J . 6.49 -22.97 -6.78
O2 GOL J . 5.96 -22.79 -5.46
C3 GOL J . 8.02 -23.02 -6.60
O3 GOL J . 8.24 -23.39 -5.23
C1 GOL K . 12.01 3.43 -18.58
O1 GOL K . 12.05 4.83 -18.78
C2 GOL K . 12.91 2.93 -17.46
O2 GOL K . 13.01 3.78 -16.34
C3 GOL K . 14.27 2.51 -17.98
O3 GOL K . 14.29 1.13 -18.32
C1 GOL L . 7.13 -11.40 -17.15
O1 GOL L . 6.47 -12.67 -17.25
C2 GOL L . 7.04 -10.63 -18.48
O2 GOL L . 7.86 -9.46 -18.40
C3 GOL L . 5.59 -10.27 -18.78
O3 GOL L . 5.52 -9.20 -19.70
#